data_5EBI
#
_entry.id   5EBI
#
_cell.length_a   35.720
_cell.length_b   44.100
_cell.length_c   35.720
_cell.angle_alpha   90.00
_cell.angle_beta   119.98
_cell.angle_gamma   90.00
#
_symmetry.space_group_name_H-M   'P 1 21 1'
#
loop_
_entity.id
_entity.type
_entity.pdbx_description
1 polymer "DNA/RNA (5'-D(*C)-R(P*G)-D(P*C)-R(P*G)-D(P*C)-R(P*G)-3')"
2 non-polymer 'BARIUM ION'
3 water water
#
_entity_poly.entity_id   1
_entity_poly.type   'polydeoxyribonucleotide/polyribonucleotide hybrid'
_entity_poly.pdbx_seq_one_letter_code
;(DC)G(DC)G(DC)G
;
_entity_poly.pdbx_strand_id   A,B,C,D,E,F,G,H
#
loop_
_chem_comp.id
_chem_comp.type
_chem_comp.name
_chem_comp.formula
BA non-polymer 'BARIUM ION' 'Ba 2'
DC DNA linking 2'-DEOXYCYTIDINE-5'-MONOPHOSPHATE 'C9 H14 N3 O7 P'
G RNA linking GUANOSINE-5'-MONOPHOSPHATE 'C10 H14 N5 O8 P'
#
# COMPACT_ATOMS: atom_id res chain seq x y z
BA BA I . -6.75 11.54 4.36
BA BA J . -1.59 5.58 5.49
BA BA K . 7.53 -5.72 11.55
BA BA L . 3.79 4.17 14.03
BA BA M . 5.23 5.06 13.85
BA BA N . 5.74 5.26 14.67
BA BA O . -12.46 -4.83 11.05
BA BA P . 1.86 -7.18 0.37
BA BA Q . 4.28 -1.26 -27.21
BA BA R . -14.44 12.85 -10.41
BA BA S . -9.19 0.36 -15.36
BA BA T . 9.20 -6.00 10.07
BA BA U . 3.86 -6.07 0.86
BA BA V . 3.12 -6.31 0.08
BA BA W . -3.51 -5.76 -8.18
BA BA X . 3.34 -1.70 -25.23
#